data_3O3H
#
_entry.id   3O3H
#
_cell.length_a   104.658
_cell.length_b   48.571
_cell.length_c   77.910
_cell.angle_alpha   90.00
_cell.angle_beta   131.97
_cell.angle_gamma   90.00
#
_symmetry.space_group_name_H-M   'C 1 2 1'
#
loop_
_entity.id
_entity.type
_entity.pdbx_description
1 polymer 'Ribonuclease HII'
2 polymer "DNA (5'-D(*GP*AP*AP*TP*CP*AP*GP*GP*TP*GP*TP*C)-3')"
3 polymer "DNA/RNA (5'-D(*GP*AP*CP*AP*C)-R(P*C)-D(P*TP*GP*AP*TP*TP*C)-3')"
4 non-polymer 'MANGANESE (II) ION'
5 water water
#
loop_
_entity_poly.entity_id
_entity_poly.type
_entity_poly.pdbx_seq_one_letter_code
_entity_poly.pdbx_strand_id
1 'polypeptide(L)'
;GIDELYKKEFGIVAGVDEAGRGCLAGPVVAAAVVLEKEIEGINDSKQLSPAKRERLLDEIMEKAAVGIGIASPEEIDLYN
IFNATKLAMNRALENLSVKPSFVLVNGKGIELSVPGTCLVKGDQKSKLIGAASIVAKVFRDRLMSEFHRMYPQFSFHKHK
GYATKEHLNEIRKNGVLPIHRLSFEPVLELLTDDLLREFFEKGLISENRFERILNLLGARKS
;
A
2 'polydeoxyribonucleotide' (DG)(DA)(DA)(DT)(DC)(DA)(DG)(DG)(DT)(DG)(DT)(DC) C
3 'polydeoxyribonucleotide/polyribonucleotide hybrid' (DG)(DA)(DC)(DA)(DC)C(DT)(DG)(DA)(DT)(DT)(DC) D
#
loop_
_chem_comp.id
_chem_comp.type
_chem_comp.name
_chem_comp.formula
C RNA linking CYTIDINE-5'-MONOPHOSPHATE 'C9 H14 N3 O8 P'
DA DNA linking 2'-DEOXYADENOSINE-5'-MONOPHOSPHATE 'C10 H14 N5 O6 P'
DC DNA linking 2'-DEOXYCYTIDINE-5'-MONOPHOSPHATE 'C9 H14 N3 O7 P'
DG DNA linking 2'-DEOXYGUANOSINE-5'-MONOPHOSPHATE 'C10 H14 N5 O7 P'
DT DNA linking THYMIDINE-5'-MONOPHOSPHATE 'C10 H15 N2 O8 P'
MN non-polymer 'MANGANESE (II) ION' 'Mn 2'
#
# COMPACT_ATOMS: atom_id res chain seq x y z
N GLY A 1 -19.21 8.83 -15.25
CA GLY A 1 -20.58 9.15 -14.87
C GLY A 1 -20.92 8.77 -13.43
N ILE A 2 -20.50 7.56 -13.04
CA ILE A 2 -20.67 7.12 -11.65
C ILE A 2 -20.16 8.21 -10.70
N ASP A 3 -18.94 8.69 -10.96
CA ASP A 3 -18.38 9.83 -10.25
C ASP A 3 -19.35 11.00 -10.21
N GLU A 4 -19.90 11.37 -11.36
CA GLU A 4 -20.74 12.56 -11.45
C GLU A 4 -22.02 12.45 -10.64
N LEU A 5 -22.66 11.28 -10.65
CA LEU A 5 -23.80 11.07 -9.78
C LEU A 5 -23.48 11.52 -8.36
N TYR A 6 -22.44 10.93 -7.78
CA TYR A 6 -22.05 11.25 -6.41
C TYR A 6 -21.57 12.68 -6.26
N LYS A 7 -20.97 13.23 -7.31
CA LYS A 7 -20.48 14.61 -7.26
C LYS A 7 -21.67 15.54 -7.07
N LYS A 8 -22.69 15.35 -7.91
CA LYS A 8 -23.91 16.17 -7.87
C LYS A 8 -24.65 16.03 -6.54
N GLU A 9 -24.69 14.80 -6.02
CA GLU A 9 -25.35 14.53 -4.76
C GLU A 9 -24.60 15.13 -3.56
N PHE A 10 -23.31 14.81 -3.43
CA PHE A 10 -22.59 15.06 -2.18
C PHE A 10 -21.58 16.20 -2.15
N GLY A 11 -21.24 16.75 -3.31
CA GLY A 11 -20.31 17.87 -3.37
C GLY A 11 -18.94 17.45 -3.85
N ILE A 12 -17.90 17.81 -3.10
CA ILE A 12 -16.54 17.36 -3.41
C ILE A 12 -16.35 15.86 -3.10
N VAL A 13 -15.96 15.09 -4.12
CA VAL A 13 -15.84 13.63 -3.99
C VAL A 13 -14.44 13.09 -4.30
N ALA A 14 -13.76 12.54 -3.29
CA ALA A 14 -12.45 11.92 -3.49
C ALA A 14 -12.57 10.44 -3.83
N GLY A 15 -11.65 9.97 -4.68
CA GLY A 15 -11.52 8.55 -4.96
C GLY A 15 -10.33 7.98 -4.22
N VAL A 16 -10.52 6.83 -3.60
CA VAL A 16 -9.44 6.20 -2.81
C VAL A 16 -9.15 4.75 -3.20
N ASP A 17 -7.86 4.44 -3.24
CA ASP A 17 -7.41 3.08 -3.53
C ASP A 17 -6.05 2.89 -2.89
N GLU A 18 -5.63 1.64 -2.77
CA GLU A 18 -4.38 1.35 -2.11
C GLU A 18 -3.60 0.30 -2.87
N ALA A 19 -2.29 0.25 -2.62
CA ALA A 19 -1.44 -0.73 -3.23
C ALA A 19 -0.53 -1.40 -2.18
N GLY A 20 -0.22 -2.67 -2.37
CA GLY A 20 0.79 -3.33 -1.56
C GLY A 20 0.18 -4.24 -0.52
N ARG A 21 -1.11 -4.51 -0.71
CA ARG A 21 -1.85 -5.38 0.18
C ARG A 21 -1.19 -6.75 0.34
N GLY A 22 -1.04 -7.50 -0.75
CA GLY A 22 -0.55 -8.87 -0.68
C GLY A 22 0.96 -9.05 -0.63
N CYS A 23 1.65 -8.03 -0.18
CA CYS A 23 3.11 -7.98 -0.22
C CYS A 23 3.76 -8.60 1.02
N LEU A 24 4.95 -9.15 0.88
CA LEU A 24 5.64 -9.74 2.02
C LEU A 24 6.60 -8.74 2.65
N ALA A 25 6.70 -7.56 2.05
CA ALA A 25 7.64 -6.57 2.54
C ALA A 25 7.20 -5.17 2.16
N GLY A 26 7.69 -4.19 2.89
CA GLY A 26 7.37 -2.81 2.60
C GLY A 26 5.99 -2.44 3.10
N PRO A 27 5.71 -1.13 3.19
CA PRO A 27 4.45 -0.62 3.72
C PRO A 27 3.35 -0.72 2.67
N VAL A 28 2.12 -0.39 3.07
CA VAL A 28 1.01 -0.35 2.14
C VAL A 28 0.74 1.12 1.82
N VAL A 29 0.64 1.43 0.54
CA VAL A 29 0.45 2.79 0.08
C VAL A 29 -0.98 3.02 -0.37
N ALA A 30 -1.59 4.10 0.11
CA ALA A 30 -2.96 4.46 -0.26
C ALA A 30 -2.99 5.87 -0.85
N ALA A 31 -3.90 6.12 -1.78
CA ALA A 31 -3.94 7.41 -2.47
C ALA A 31 -5.35 7.96 -2.55
N ALA A 32 -5.52 9.23 -2.17
CA ALA A 32 -6.80 9.92 -2.28
C ALA A 32 -6.75 10.94 -3.41
N VAL A 33 -7.73 10.92 -4.30
CA VAL A 33 -7.65 11.75 -5.52
C VAL A 33 -8.92 12.53 -5.87
N VAL A 34 -8.82 13.85 -5.84
CA VAL A 34 -9.91 14.72 -6.29
C VAL A 34 -9.54 15.39 -7.61
N LEU A 35 -10.45 15.35 -8.57
CA LEU A 35 -10.11 15.81 -9.92
C LEU A 35 -11.32 16.32 -10.70
N GLU A 36 -11.13 17.42 -11.44
CA GLU A 36 -12.22 17.96 -12.28
C GLU A 36 -11.89 17.99 -13.76
N LYS A 37 -10.64 18.26 -14.09
CA LYS A 37 -10.21 18.21 -15.48
C LYS A 37 -10.23 16.75 -15.96
N GLU A 38 -10.69 16.53 -17.19
CA GLU A 38 -10.80 15.16 -17.71
C GLU A 38 -9.45 14.60 -18.17
N ILE A 39 -9.23 13.32 -17.91
CA ILE A 39 -7.99 12.66 -18.28
C ILE A 39 -8.28 11.37 -19.03
N GLU A 40 -8.14 11.43 -20.34
CA GLU A 40 -8.36 10.26 -21.17
C GLU A 40 -7.38 9.14 -20.80
N GLY A 41 -7.87 7.91 -20.87
CA GLY A 41 -7.03 6.75 -20.68
C GLY A 41 -7.15 6.23 -19.27
N ILE A 42 -7.96 6.92 -18.47
CA ILE A 42 -8.10 6.56 -17.07
C ILE A 42 -8.65 5.14 -16.94
N ASN A 43 -7.92 4.32 -16.19
CA ASN A 43 -8.31 2.95 -15.89
C ASN A 43 -7.46 2.33 -14.79
N ASP A 44 -8.04 1.35 -14.09
CA ASP A 44 -7.33 0.64 -13.01
C ASP A 44 -5.91 0.22 -13.42
N SER A 45 -4.94 0.62 -12.61
CA SER A 45 -3.52 0.44 -12.93
C SER A 45 -3.11 -0.94 -13.48
N LYS A 46 -3.62 -2.02 -12.89
CA LYS A 46 -3.17 -3.37 -13.25
C LYS A 46 -3.53 -3.82 -14.67
N GLN A 47 -4.29 -3.00 -15.40
CA GLN A 47 -4.60 -3.27 -16.79
C GLN A 47 -3.61 -2.55 -17.66
N LEU A 48 -3.06 -1.46 -17.12
CA LEU A 48 -2.11 -0.62 -17.83
C LEU A 48 -0.69 -1.22 -17.87
N SER A 49 0.13 -0.67 -18.76
CA SER A 49 1.55 -1.03 -18.81
C SER A 49 2.28 -0.14 -17.84
N PRO A 50 3.29 -0.68 -17.14
CA PRO A 50 4.09 0.10 -16.20
C PRO A 50 4.50 1.48 -16.75
N ALA A 51 4.76 1.56 -18.05
CA ALA A 51 5.21 2.81 -18.67
C ALA A 51 4.06 3.76 -18.95
N LYS A 52 2.86 3.22 -19.07
CA LYS A 52 1.69 4.06 -19.30
C LYS A 52 1.21 4.72 -18.02
N ARG A 53 1.13 3.94 -16.94
CA ARG A 53 0.90 4.49 -15.61
C ARG A 53 1.79 5.71 -15.41
N GLU A 54 3.06 5.57 -15.83
CA GLU A 54 4.04 6.63 -15.72
C GLU A 54 3.60 7.93 -16.39
N ARG A 55 3.08 7.83 -17.61
CA ARG A 55 2.65 9.02 -18.31
C ARG A 55 1.29 9.52 -17.82
N LEU A 56 0.47 8.61 -17.32
CA LEU A 56 -0.81 9.00 -16.74
C LEU A 56 -0.65 9.69 -15.39
N LEU A 57 0.41 9.35 -14.66
CA LEU A 57 0.64 9.97 -13.36
C LEU A 57 1.06 11.42 -13.54
N ASP A 58 2.09 11.64 -14.35
CA ASP A 58 2.56 12.99 -14.67
C ASP A 58 1.36 13.88 -14.98
N GLU A 59 0.43 13.35 -15.76
CA GLU A 59 -0.83 14.03 -16.05
C GLU A 59 -1.72 14.18 -14.82
N ILE A 60 -1.92 13.10 -14.08
CA ILE A 60 -2.75 13.14 -12.88
C ILE A 60 -2.24 14.15 -11.84
N MET A 61 -0.94 14.07 -11.55
CA MET A 61 -0.34 14.97 -10.58
C MET A 61 -0.14 16.36 -11.17
N GLU A 62 -0.96 16.72 -12.15
CA GLU A 62 -0.94 18.08 -12.69
C GLU A 62 -2.32 18.69 -12.77
N LYS A 63 -3.34 17.86 -12.92
CA LYS A 63 -4.70 18.33 -13.04
C LYS A 63 -5.54 18.08 -11.78
N ALA A 64 -5.03 17.24 -10.89
CA ALA A 64 -5.79 16.81 -9.74
C ALA A 64 -5.16 17.18 -8.41
N ALA A 65 -5.96 17.12 -7.35
CA ALA A 65 -5.43 17.13 -6.00
C ALA A 65 -5.19 15.70 -5.51
N VAL A 66 -4.07 15.51 -4.81
CA VAL A 66 -3.67 14.17 -4.40
C VAL A 66 -3.10 14.10 -3.00
N GLY A 67 -3.67 13.24 -2.17
CA GLY A 67 -3.11 12.93 -0.87
C GLY A 67 -2.50 11.55 -0.89
N ILE A 68 -1.36 11.38 -0.23
CA ILE A 68 -0.71 10.08 -0.12
C ILE A 68 -0.51 9.62 1.33
N GLY A 69 -1.00 8.44 1.66
CA GLY A 69 -0.79 7.88 2.98
C GLY A 69 -0.06 6.56 2.92
N ILE A 70 0.80 6.31 3.91
CA ILE A 70 1.44 5.01 4.00
C ILE A 70 1.29 4.44 5.41
N ALA A 71 1.28 3.12 5.51
CA ALA A 71 1.29 2.45 6.80
C ALA A 71 2.53 1.58 6.90
N SER A 72 3.25 1.69 8.01
CA SER A 72 4.53 1.01 8.17
C SER A 72 4.40 -0.51 8.17
N PRO A 73 5.47 -1.22 7.79
CA PRO A 73 5.42 -2.68 7.92
C PRO A 73 5.25 -3.08 9.38
N GLU A 74 5.79 -2.27 10.30
CA GLU A 74 5.54 -2.49 11.72
C GLU A 74 4.05 -2.42 12.04
N GLU A 75 3.40 -1.42 11.48
CA GLU A 75 1.96 -1.25 11.69
C GLU A 75 1.13 -2.38 11.10
N ILE A 76 1.58 -2.94 9.97
CA ILE A 76 0.90 -4.10 9.42
C ILE A 76 0.93 -5.27 10.41
N ASP A 77 2.10 -5.51 11.00
CA ASP A 77 2.26 -6.61 11.94
C ASP A 77 1.42 -6.41 13.20
N LEU A 78 1.50 -5.22 13.79
CA LEU A 78 0.78 -4.92 15.02
C LEU A 78 -0.74 -4.78 14.84
N TYR A 79 -1.17 -4.26 13.68
CA TYR A 79 -2.58 -3.93 13.44
C TYR A 79 -3.29 -4.88 12.48
N ASN A 80 -2.50 -5.64 11.72
CA ASN A 80 -2.98 -6.44 10.58
C ASN A 80 -3.09 -5.66 9.27
N ILE A 81 -3.07 -6.35 8.16
CA ILE A 81 -3.01 -5.66 6.88
C ILE A 81 -4.21 -4.78 6.64
N PHE A 82 -5.35 -5.14 7.24
CA PHE A 82 -6.60 -4.48 6.93
C PHE A 82 -6.70 -3.12 7.60
N ASN A 83 -6.38 -3.07 8.88
CA ASN A 83 -6.44 -1.82 9.61
C ASN A 83 -5.29 -0.91 9.27
N ALA A 84 -4.20 -1.52 8.84
CA ALA A 84 -3.06 -0.79 8.34
C ALA A 84 -3.46 -0.14 7.03
N THR A 85 -4.32 -0.83 6.29
CA THR A 85 -4.85 -0.31 5.03
C THR A 85 -5.78 0.90 5.26
N LYS A 86 -6.78 0.76 6.12
CA LYS A 86 -7.63 1.88 6.47
C LYS A 86 -6.78 3.04 7.02
N LEU A 87 -5.74 2.71 7.80
CA LEU A 87 -4.89 3.71 8.41
C LEU A 87 -4.18 4.53 7.35
N ALA A 88 -3.61 3.84 6.38
CA ALA A 88 -2.95 4.47 5.23
C ALA A 88 -3.93 5.34 4.45
N MET A 89 -5.08 4.78 4.12
CA MET A 89 -6.13 5.54 3.46
C MET A 89 -6.48 6.84 4.17
N ASN A 90 -6.65 6.78 5.49
CA ASN A 90 -7.01 7.98 6.24
C ASN A 90 -5.90 9.01 6.31
N ARG A 91 -4.67 8.58 6.06
CA ARG A 91 -3.51 9.46 6.07
C ARG A 91 -3.38 10.16 4.73
N ALA A 92 -3.94 9.52 3.70
CA ALA A 92 -4.03 10.11 2.37
C ALA A 92 -5.06 11.25 2.40
N LEU A 93 -6.27 10.94 2.82
CA LEU A 93 -7.30 11.95 2.99
C LEU A 93 -6.72 13.11 3.78
N GLU A 94 -5.92 12.78 4.79
CA GLU A 94 -5.30 13.80 5.62
C GLU A 94 -4.37 14.67 4.79
N ASN A 95 -3.59 14.03 3.93
CA ASN A 95 -2.62 14.75 3.11
C ASN A 95 -3.24 15.48 1.93
N LEU A 96 -4.47 15.12 1.58
CA LEU A 96 -5.21 15.81 0.53
C LEU A 96 -5.46 17.24 1.00
N SER A 97 -5.20 18.21 0.12
CA SER A 97 -5.43 19.61 0.43
C SER A 97 -6.93 19.92 0.37
N VAL A 98 -7.57 19.36 -0.64
CA VAL A 98 -9.03 19.44 -0.79
C VAL A 98 -9.68 18.48 0.21
N LYS A 99 -10.62 18.98 1.00
CA LYS A 99 -11.35 18.13 1.92
C LYS A 99 -12.70 17.72 1.33
N PRO A 100 -12.79 16.49 0.82
CA PRO A 100 -13.99 15.94 0.19
C PRO A 100 -15.13 15.73 1.17
N SER A 101 -16.34 16.07 0.75
CA SER A 101 -17.52 15.82 1.58
C SER A 101 -17.89 14.36 1.47
N PHE A 102 -17.32 13.67 0.49
CA PHE A 102 -17.67 12.28 0.20
C PHE A 102 -16.48 11.51 -0.39
N VAL A 103 -16.42 10.22 -0.11
CA VAL A 103 -15.34 9.38 -0.64
C VAL A 103 -15.86 8.13 -1.33
N LEU A 104 -15.27 7.85 -2.49
CA LEU A 104 -15.47 6.56 -3.13
C LEU A 104 -14.25 5.69 -2.85
N VAL A 105 -14.44 4.64 -2.05
CA VAL A 105 -13.32 3.78 -1.65
C VAL A 105 -13.33 2.45 -2.40
N ASN A 106 -12.27 2.16 -3.13
CA ASN A 106 -12.22 0.89 -3.85
C ASN A 106 -12.23 -0.30 -2.89
N GLY A 107 -13.05 -1.30 -3.21
CA GLY A 107 -13.11 -2.51 -2.43
C GLY A 107 -14.43 -2.75 -1.73
N LYS A 108 -14.37 -2.98 -0.42
CA LYS A 108 -15.54 -3.43 0.33
C LYS A 108 -15.24 -3.50 1.82
N GLY A 109 -16.08 -2.87 2.61
CA GLY A 109 -16.00 -3.00 4.05
C GLY A 109 -15.06 -2.01 4.67
N ILE A 110 -14.66 -0.99 3.92
CA ILE A 110 -13.78 0.02 4.46
C ILE A 110 -14.57 1.28 4.71
N GLU A 111 -14.45 1.81 5.91
CA GLU A 111 -15.19 3.00 6.33
C GLU A 111 -14.15 3.98 6.86
N LEU A 112 -13.99 5.13 6.20
CA LEU A 112 -12.91 6.04 6.58
C LEU A 112 -13.44 7.19 7.41
N SER A 113 -12.59 8.17 7.70
CA SER A 113 -12.99 9.29 8.55
C SER A 113 -13.86 10.31 7.80
N VAL A 114 -14.30 9.92 6.62
CA VAL A 114 -15.10 10.78 5.77
C VAL A 114 -16.20 9.91 5.22
N PRO A 115 -17.46 10.31 5.46
CA PRO A 115 -18.56 9.47 4.97
C PRO A 115 -18.34 9.24 3.50
N GLY A 116 -18.66 8.04 3.03
CA GLY A 116 -18.43 7.67 1.65
C GLY A 116 -19.05 6.31 1.40
N THR A 117 -18.60 5.64 0.35
CA THR A 117 -19.13 4.34 -0.01
C THR A 117 -18.06 3.45 -0.63
N CYS A 118 -18.31 2.14 -0.61
CA CYS A 118 -17.35 1.13 -1.04
C CYS A 118 -17.80 0.42 -2.29
N LEU A 119 -17.02 0.57 -3.36
CA LEU A 119 -17.34 -0.07 -4.63
C LEU A 119 -16.41 -1.25 -4.95
N VAL A 120 -16.98 -2.44 -5.04
CA VAL A 120 -16.24 -3.62 -5.49
C VAL A 120 -15.87 -3.43 -6.96
N LYS A 121 -14.62 -3.73 -7.30
CA LYS A 121 -14.09 -3.41 -8.63
C LYS A 121 -14.15 -1.90 -8.89
N GLY A 122 -14.40 -1.12 -7.84
CA GLY A 122 -14.43 0.32 -7.95
C GLY A 122 -13.34 0.92 -8.81
N ASP A 123 -12.17 0.28 -8.89
CA ASP A 123 -11.06 0.83 -9.67
C ASP A 123 -11.31 0.79 -11.18
N GLN A 124 -12.42 0.18 -11.57
CA GLN A 124 -12.82 0.12 -12.97
C GLN A 124 -14.31 0.44 -13.12
N LYS A 125 -14.86 1.06 -12.09
CA LYS A 125 -16.21 1.61 -12.14
C LYS A 125 -16.16 3.13 -12.05
N SER A 126 -15.04 3.63 -11.53
CA SER A 126 -14.91 5.04 -11.22
C SER A 126 -13.59 5.60 -11.71
N LYS A 127 -13.62 6.83 -12.22
CA LYS A 127 -12.42 7.45 -12.75
C LYS A 127 -11.54 8.00 -11.65
N LEU A 128 -12.14 8.59 -10.63
CA LEU A 128 -11.38 9.04 -9.47
C LEU A 128 -10.59 7.88 -8.84
N ILE A 129 -11.29 6.79 -8.50
CA ILE A 129 -10.63 5.63 -7.90
C ILE A 129 -9.57 5.04 -8.83
N GLY A 130 -9.90 4.92 -10.11
CA GLY A 130 -8.94 4.42 -11.08
C GLY A 130 -7.69 5.28 -11.07
N ALA A 131 -7.88 6.57 -10.83
CA ALA A 131 -6.77 7.52 -10.76
C ALA A 131 -5.99 7.37 -9.44
N ALA A 132 -6.70 7.31 -8.32
CA ALA A 132 -6.08 7.03 -7.03
C ALA A 132 -5.29 5.73 -7.09
N SER A 133 -5.82 4.78 -7.85
CA SER A 133 -5.18 3.48 -8.09
C SER A 133 -3.80 3.57 -8.77
N ILE A 134 -3.64 4.56 -9.64
CA ILE A 134 -2.40 4.70 -10.38
C ILE A 134 -1.36 5.45 -9.57
N VAL A 135 -1.84 6.30 -8.68
CA VAL A 135 -0.95 7.07 -7.84
C VAL A 135 -0.31 6.17 -6.81
N ALA A 136 -1.16 5.42 -6.11
CA ALA A 136 -0.68 4.50 -5.09
C ALA A 136 0.36 3.57 -5.68
N LYS A 137 -0.03 2.85 -6.72
CA LYS A 137 0.82 1.82 -7.33
C LYS A 137 2.18 2.36 -7.75
N VAL A 138 2.20 3.50 -8.43
CA VAL A 138 3.45 4.05 -8.90
C VAL A 138 4.31 4.50 -7.73
N PHE A 139 3.69 5.14 -6.75
CA PHE A 139 4.41 5.67 -5.62
C PHE A 139 5.04 4.54 -4.82
N ARG A 140 4.23 3.52 -4.60
CA ARG A 140 4.67 2.28 -3.96
C ARG A 140 5.88 1.70 -4.66
N ASP A 141 5.73 1.38 -5.95
CA ASP A 141 6.83 0.84 -6.73
C ASP A 141 8.10 1.66 -6.53
N ARG A 142 7.96 2.98 -6.50
CA ARG A 142 9.11 3.87 -6.27
C ARG A 142 9.76 3.60 -4.91
N LEU A 143 8.94 3.38 -3.89
CA LEU A 143 9.46 3.08 -2.56
C LEU A 143 10.25 1.79 -2.57
N MET A 144 9.75 0.82 -3.33
CA MET A 144 10.40 -0.48 -3.40
C MET A 144 11.72 -0.42 -4.16
N SER A 145 11.78 0.40 -5.20
CA SER A 145 13.01 0.52 -5.98
C SER A 145 14.15 1.01 -5.12
N GLU A 146 13.96 2.14 -4.44
CA GLU A 146 14.98 2.68 -3.57
C GLU A 146 15.26 1.76 -2.38
N PHE A 147 14.52 0.65 -2.29
CA PHE A 147 14.81 -0.37 -1.30
C PHE A 147 15.83 -1.37 -1.85
N HIS A 148 15.83 -1.51 -3.17
CA HIS A 148 16.89 -2.23 -3.85
C HIS A 148 18.19 -1.46 -3.62
N ARG A 149 18.08 -0.15 -3.45
CA ARG A 149 19.23 0.70 -3.16
CA ARG A 149 19.23 0.67 -3.16
C ARG A 149 19.73 0.45 -1.73
N MET A 150 18.78 0.30 -0.81
CA MET A 150 19.12 0.10 0.60
C MET A 150 19.43 -1.36 0.92
N TYR A 151 18.96 -2.28 0.08
CA TYR A 151 19.28 -3.69 0.27
C TYR A 151 19.66 -4.33 -1.06
N PRO A 152 20.83 -3.96 -1.60
CA PRO A 152 21.27 -4.36 -2.93
C PRO A 152 21.05 -5.84 -3.21
N GLN A 153 21.14 -6.67 -2.17
CA GLN A 153 21.00 -8.11 -2.36
CA GLN A 153 20.99 -8.11 -2.33
C GLN A 153 19.54 -8.49 -2.67
N PHE A 154 18.68 -7.48 -2.80
CA PHE A 154 17.26 -7.73 -2.98
C PHE A 154 16.64 -7.05 -4.18
N SER A 155 15.92 -7.84 -4.97
CA SER A 155 15.30 -7.37 -6.22
C SER A 155 13.98 -6.61 -6.01
N PHE A 156 13.98 -5.64 -5.11
CA PHE A 156 12.74 -4.97 -4.74
C PHE A 156 12.18 -4.14 -5.88
N HIS A 157 13.03 -3.79 -6.81
CA HIS A 157 12.61 -3.03 -7.98
C HIS A 157 11.96 -3.96 -9.03
N LYS A 158 12.09 -5.27 -8.84
CA LYS A 158 11.50 -6.22 -9.78
C LYS A 158 10.25 -6.87 -9.21
N HIS A 159 10.34 -7.35 -7.98
CA HIS A 159 9.23 -8.10 -7.38
C HIS A 159 8.41 -7.28 -6.40
N LYS A 160 8.83 -6.05 -6.13
CA LYS A 160 8.09 -5.14 -5.27
C LYS A 160 7.79 -5.69 -3.87
N GLY A 161 8.51 -6.73 -3.46
CA GLY A 161 8.32 -7.31 -2.14
C GLY A 161 7.34 -8.47 -2.11
N TYR A 162 6.79 -8.80 -3.27
CA TYR A 162 5.79 -9.85 -3.33
C TYR A 162 6.42 -11.23 -3.25
N ALA A 163 5.59 -12.24 -2.98
CA ALA A 163 6.04 -13.64 -2.84
C ALA A 163 6.43 -14.33 -4.16
N THR A 164 7.40 -13.75 -4.87
CA THR A 164 7.90 -14.35 -6.10
C THR A 164 8.99 -15.36 -5.75
N LYS A 165 9.25 -16.33 -6.64
CA LYS A 165 10.27 -17.33 -6.40
C LYS A 165 11.58 -16.70 -5.94
N GLU A 166 12.00 -15.67 -6.65
CA GLU A 166 13.31 -15.08 -6.45
C GLU A 166 13.33 -14.22 -5.19
N HIS A 167 12.16 -13.71 -4.79
CA HIS A 167 12.10 -13.00 -3.53
C HIS A 167 12.34 -14.00 -2.42
N LEU A 168 11.67 -15.14 -2.50
CA LEU A 168 11.88 -16.21 -1.53
C LEU A 168 13.30 -16.76 -1.55
N ASN A 169 13.96 -16.67 -2.69
CA ASN A 169 15.36 -17.08 -2.78
C ASN A 169 16.22 -16.11 -2.00
N GLU A 170 16.00 -14.82 -2.28
CA GLU A 170 16.77 -13.76 -1.66
C GLU A 170 16.58 -13.76 -0.15
N ILE A 171 15.42 -14.20 0.33
CA ILE A 171 15.22 -14.30 1.77
C ILE A 171 15.98 -15.48 2.40
N ARG A 172 15.90 -16.65 1.78
CA ARG A 172 16.61 -17.79 2.32
C ARG A 172 18.12 -17.55 2.25
N LYS A 173 18.59 -17.03 1.11
CA LYS A 173 20.00 -16.75 0.99
C LYS A 173 20.46 -15.63 1.93
N ASN A 174 19.76 -14.50 1.91
CA ASN A 174 20.24 -13.30 2.58
C ASN A 174 19.63 -13.00 3.94
N GLY A 175 18.54 -13.68 4.29
CA GLY A 175 17.87 -13.40 5.55
C GLY A 175 16.67 -12.49 5.47
N VAL A 176 15.98 -12.33 6.59
CA VAL A 176 14.77 -11.52 6.66
C VAL A 176 15.10 -10.10 7.09
N LEU A 177 14.42 -9.12 6.51
CA LEU A 177 14.67 -7.72 6.87
C LEU A 177 13.55 -7.16 7.76
N PRO A 178 13.87 -6.09 8.49
CA PRO A 178 12.87 -5.41 9.33
C PRO A 178 11.68 -4.88 8.52
N ILE A 179 11.91 -4.61 7.23
CA ILE A 179 10.87 -4.10 6.34
C ILE A 179 9.98 -5.21 5.78
N HIS A 180 10.43 -6.46 5.94
CA HIS A 180 9.54 -7.59 5.69
C HIS A 180 8.42 -7.60 6.69
N ARG A 181 7.26 -8.10 6.28
CA ARG A 181 6.13 -8.18 7.19
C ARG A 181 6.24 -9.45 7.99
N LEU A 182 6.70 -9.33 9.23
CA LEU A 182 7.07 -10.49 10.02
C LEU A 182 5.89 -11.36 10.41
N SER A 183 4.67 -10.82 10.32
CA SER A 183 3.48 -11.60 10.64
C SER A 183 2.98 -12.39 9.44
N PHE A 184 3.50 -12.08 8.26
CA PHE A 184 3.11 -12.75 7.03
C PHE A 184 3.75 -14.13 6.91
N GLU A 185 2.91 -15.15 6.77
CA GLU A 185 3.34 -16.54 6.94
C GLU A 185 4.65 -17.01 6.31
N PRO A 186 4.91 -16.60 5.06
CA PRO A 186 6.16 -17.05 4.43
C PRO A 186 7.38 -16.51 5.15
N VAL A 187 7.26 -15.35 5.78
CA VAL A 187 8.35 -14.74 6.52
C VAL A 187 8.44 -15.37 7.91
N LEU A 188 7.33 -15.38 8.63
CA LEU A 188 7.24 -16.09 9.89
C LEU A 188 7.91 -17.45 9.79
N GLU A 189 7.66 -18.14 8.69
CA GLU A 189 8.21 -19.46 8.45
C GLU A 189 9.74 -19.47 8.53
N LEU A 190 10.37 -18.48 7.92
CA LEU A 190 11.83 -18.46 7.79
C LEU A 190 12.53 -17.80 8.98
N LEU A 191 11.79 -17.00 9.71
CA LEU A 191 12.34 -16.23 10.83
C LEU A 191 12.58 -17.13 12.05
N THR A 192 13.58 -16.80 12.86
CA THR A 192 13.89 -17.58 14.07
C THR A 192 13.84 -16.69 15.29
N ASP A 193 13.64 -17.26 16.46
CA ASP A 193 13.56 -16.43 17.65
C ASP A 193 14.92 -15.76 17.83
N ASP A 194 15.92 -16.36 17.21
CA ASP A 194 17.28 -15.89 17.33
C ASP A 194 17.50 -14.60 16.53
N LEU A 195 17.04 -14.58 15.28
CA LEU A 195 17.10 -13.36 14.46
C LEU A 195 16.15 -12.31 14.97
N LEU A 196 15.06 -12.74 15.58
CA LEU A 196 14.09 -11.78 16.10
C LEU A 196 14.70 -11.01 17.26
N ARG A 197 15.41 -11.71 18.13
CA ARG A 197 16.01 -11.06 19.30
C ARG A 197 17.10 -10.11 18.85
N GLU A 198 17.80 -10.49 17.78
CA GLU A 198 18.85 -9.68 17.19
C GLU A 198 18.30 -8.34 16.67
N PHE A 199 17.25 -8.42 15.85
CA PHE A 199 16.54 -7.25 15.35
C PHE A 199 16.26 -6.28 16.49
N PHE A 200 15.82 -6.84 17.60
CA PHE A 200 15.44 -6.03 18.74
C PHE A 200 16.67 -5.49 19.43
N GLU A 201 17.67 -6.34 19.61
CA GLU A 201 18.91 -5.91 20.25
C GLU A 201 19.66 -4.88 19.40
N LYS A 202 19.43 -4.88 18.09
CA LYS A 202 20.05 -3.91 17.18
C LYS A 202 19.25 -2.62 17.17
N GLY A 203 18.09 -2.63 17.85
CA GLY A 203 17.19 -1.48 17.85
C GLY A 203 16.52 -1.28 16.51
N LEU A 204 16.37 -2.39 15.77
CA LEU A 204 15.83 -2.32 14.44
C LEU A 204 14.32 -2.43 14.45
N ILE A 205 13.79 -3.33 15.27
CA ILE A 205 12.34 -3.41 15.48
C ILE A 205 11.94 -2.89 16.84
N SER A 206 10.64 -2.86 17.08
CA SER A 206 10.06 -2.29 18.29
C SER A 206 9.88 -3.35 19.38
N GLU A 207 9.74 -2.91 20.63
CA GLU A 207 9.49 -3.87 21.69
C GLU A 207 8.16 -4.56 21.45
N ASN A 208 7.18 -3.76 21.03
CA ASN A 208 5.84 -4.25 20.73
C ASN A 208 5.82 -5.12 19.48
N ARG A 209 6.67 -4.81 18.52
CA ARG A 209 6.75 -5.64 17.32
C ARG A 209 7.34 -6.98 17.75
N PHE A 210 8.44 -6.89 18.49
CA PHE A 210 9.13 -8.07 18.99
C PHE A 210 8.19 -9.02 19.76
N GLU A 211 7.46 -8.47 20.72
CA GLU A 211 6.56 -9.29 21.52
C GLU A 211 5.54 -10.03 20.68
N ARG A 212 5.03 -9.36 19.67
CA ARG A 212 4.03 -9.98 18.81
C ARG A 212 4.64 -11.12 18.02
N ILE A 213 5.62 -10.81 17.19
CA ILE A 213 6.20 -11.81 16.32
C ILE A 213 6.77 -12.95 17.14
N LEU A 214 7.34 -12.63 18.29
CA LEU A 214 7.79 -13.67 19.20
C LEU A 214 6.63 -14.59 19.61
N ASN A 215 5.53 -13.99 20.04
CA ASN A 215 4.37 -14.78 20.41
C ASN A 215 3.80 -15.49 19.22
N LEU A 216 3.97 -14.89 18.06
CA LEU A 216 3.53 -15.53 16.83
C LEU A 216 4.42 -16.69 16.48
N LEU A 217 5.70 -16.55 16.78
CA LEU A 217 6.70 -17.54 16.38
C LEU A 217 6.47 -18.83 17.16
N GLY A 218 6.20 -18.68 18.47
CA GLY A 218 5.98 -19.82 19.34
C GLY A 218 4.63 -20.47 19.07
N ALA A 219 3.76 -19.75 18.36
CA ALA A 219 2.42 -20.22 18.08
C ALA A 219 2.38 -21.12 16.83
N ARG A 220 3.53 -21.26 16.18
CA ARG A 220 3.66 -21.99 14.92
C ARG A 220 3.55 -23.51 15.07
N LYS A 221 3.15 -24.15 13.98
CA LYS A 221 2.92 -25.61 13.94
C LYS A 221 1.78 -25.98 14.88
N SER A 222 0.73 -25.15 14.88
CA SER A 222 -0.46 -25.37 15.69
C SER A 222 -1.66 -25.78 14.82
MN MN D . -9.82 -4.25 -8.88
MN MN E . -6.48 -1.26 -7.53
MN MN F . -4.75 -15.10 9.52
#